data_7ZDN
#
_entry.id   7ZDN
#
_cell.length_a   81.412
_cell.length_b   81.877
_cell.length_c   113.395
_cell.angle_alpha   90.000
_cell.angle_beta   90.000
_cell.angle_gamma   90.000
#
_symmetry.space_group_name_H-M   'C 2 2 21'
#
loop_
_entity.id
_entity.type
_entity.pdbx_description
1 polymer 'Peptidyl-prolyl cis-trans isomerase F, mitochondrial'
2 non-polymer (1~{R},9~{R},10~{S})-12-oxa-8-azatricyclo[7.3.1.0^{2,7}]trideca-2(7),3,5-trien-10-ol
3 water water
#
_entity_poly.entity_id   1
_entity_poly.type   'polypeptide(L)'
_entity_poly.pdbx_seq_one_letter_code
;MGNPLVYLDVDANGKPLGRVVLELKADVVPKTAENFRALCTGEKGFGYKGSTFHRVIPSFMCQAGDFTNHNGTGGKSIYG
SRFPDENFTLKHVGPGVLSMANAGPNTNGSQFFICTIKTDWLDGQHVVFGHVIEGMDVVKKIESFGSKSGRTSKKIVITD
CGQLS
;
_entity_poly.pdbx_strand_id   A,B
#
# COMPACT_ATOMS: atom_id res chain seq x y z
N GLY A 2 2.00 -12.26 4.67
CA GLY A 2 1.88 -10.96 4.01
C GLY A 2 0.98 -11.01 2.77
N ASN A 3 0.13 -10.00 2.64
CA ASN A 3 -0.78 -9.93 1.50
C ASN A 3 -0.03 -9.55 0.22
N PRO A 4 -0.36 -10.15 -0.92
CA PRO A 4 0.27 -9.77 -2.19
C PRO A 4 -0.03 -8.33 -2.60
N LEU A 5 0.93 -7.73 -3.30
CA LEU A 5 0.72 -6.50 -4.07
C LEU A 5 0.81 -6.90 -5.53
N VAL A 6 -0.25 -6.64 -6.30
CA VAL A 6 -0.23 -6.90 -7.73
C VAL A 6 -0.58 -5.63 -8.50
N TYR A 7 -0.33 -5.66 -9.81
CA TYR A 7 -0.57 -4.51 -10.66
C TYR A 7 -1.28 -4.86 -11.95
N LEU A 8 -2.01 -3.88 -12.48
CA LEU A 8 -2.56 -3.93 -13.82
C LEU A 8 -2.11 -2.70 -14.57
N ASP A 9 -1.45 -2.89 -15.70
CA ASP A 9 -1.12 -1.81 -16.62
C ASP A 9 -2.20 -1.77 -17.69
N VAL A 10 -2.89 -0.65 -17.83
CA VAL A 10 -4.09 -0.58 -18.67
C VAL A 10 -3.90 0.48 -19.75
N ASP A 11 -4.27 0.12 -20.98
CA ASP A 11 -4.28 1.03 -22.11
C ASP A 11 -5.70 1.25 -22.62
N ALA A 12 -5.88 2.34 -23.36
CA ALA A 12 -7.12 2.64 -24.07
C ALA A 12 -6.78 2.86 -25.54
N ASN A 13 -7.33 2.01 -26.41
CA ASN A 13 -6.94 2.00 -27.82
C ASN A 13 -5.42 2.05 -28.01
N GLY A 14 -4.70 1.21 -27.26
CA GLY A 14 -3.26 1.09 -27.42
C GLY A 14 -2.46 2.18 -26.73
N LYS A 15 -3.10 3.08 -26.01
CA LYS A 15 -2.43 4.19 -25.35
C LYS A 15 -2.39 3.97 -23.85
N PRO A 16 -1.22 3.95 -23.21
CA PRO A 16 -1.17 3.65 -21.78
C PRO A 16 -1.92 4.67 -20.94
N LEU A 17 -2.73 4.16 -20.01
CA LEU A 17 -3.37 4.99 -19.01
C LEU A 17 -2.61 5.02 -17.70
N GLY A 18 -1.77 4.03 -17.44
CA GLY A 18 -1.02 3.93 -16.21
C GLY A 18 -1.24 2.61 -15.54
N ARG A 19 -0.90 2.56 -14.25
CA ARG A 19 -0.84 1.31 -13.51
C ARG A 19 -1.73 1.38 -12.28
N VAL A 20 -2.53 0.33 -12.07
CA VAL A 20 -3.34 0.17 -10.88
C VAL A 20 -2.63 -0.83 -9.99
N VAL A 21 -2.39 -0.47 -8.73
CA VAL A 21 -1.76 -1.37 -7.76
C VAL A 21 -2.82 -1.76 -6.74
N LEU A 22 -2.94 -3.07 -6.49
CA LEU A 22 -4.00 -3.62 -5.68
C LEU A 22 -3.40 -4.47 -4.56
N GLU A 23 -3.94 -4.31 -3.34
CA GLU A 23 -3.64 -5.23 -2.25
C GLU A 23 -4.69 -6.32 -2.23
N LEU A 24 -4.23 -7.56 -2.17
CA LEU A 24 -5.10 -8.72 -2.10
C LEU A 24 -5.10 -9.26 -0.68
N LYS A 25 -6.29 -9.38 -0.10
CA LYS A 25 -6.49 -9.67 1.31
C LYS A 25 -6.48 -11.19 1.54
N ALA A 26 -5.33 -11.77 1.21
CA ALA A 26 -5.11 -13.20 1.49
C ALA A 26 -5.29 -13.54 2.95
N ASP A 27 -5.17 -12.54 3.84
CA ASP A 27 -5.32 -12.82 5.25
C ASP A 27 -6.79 -13.03 5.64
N VAL A 28 -7.74 -12.68 4.75
CA VAL A 28 -9.15 -12.84 5.00
C VAL A 28 -9.78 -13.83 4.03
N VAL A 29 -9.37 -13.81 2.76
CA VAL A 29 -9.94 -14.66 1.71
C VAL A 29 -8.75 -15.21 0.94
N PRO A 30 -8.02 -16.20 1.50
CA PRO A 30 -6.83 -16.74 0.81
C PRO A 30 -7.11 -17.38 -0.54
N LYS A 31 -8.21 -18.12 -0.68
CA LYS A 31 -8.46 -18.79 -1.96
C LYS A 31 -8.81 -17.80 -3.07
N THR A 32 -9.55 -16.76 -2.72
CA THR A 32 -9.94 -15.75 -3.71
C THR A 32 -8.77 -14.85 -4.05
N ALA A 33 -7.99 -14.44 -3.05
CA ALA A 33 -6.77 -13.69 -3.30
C ALA A 33 -5.81 -14.49 -4.16
N GLU A 34 -5.62 -15.77 -3.85
CA GLU A 34 -4.66 -16.55 -4.62
C GLU A 34 -5.10 -16.67 -6.06
N ASN A 35 -6.38 -16.89 -6.32
CA ASN A 35 -6.85 -16.98 -7.70
C ASN A 35 -6.48 -15.72 -8.48
N PHE A 36 -6.80 -14.56 -7.91
CA PHE A 36 -6.52 -13.32 -8.61
C PHE A 36 -5.02 -13.11 -8.78
N ARG A 37 -4.24 -13.45 -7.75
CA ARG A 37 -2.79 -13.25 -7.83
C ARG A 37 -2.22 -14.06 -8.98
N ALA A 38 -2.58 -15.35 -9.01
CA ALA A 38 -2.10 -16.24 -10.05
C ALA A 38 -2.58 -15.83 -11.44
N LEU A 39 -3.79 -15.27 -11.56
CA LEU A 39 -4.22 -14.80 -12.88
C LEU A 39 -3.48 -13.54 -13.31
N CYS A 40 -2.98 -12.75 -12.36
CA CYS A 40 -2.12 -11.62 -12.70
C CYS A 40 -0.75 -12.07 -13.20
N THR A 41 -0.15 -13.07 -12.56
CA THR A 41 1.16 -13.51 -13.01
C THR A 41 1.09 -14.38 -14.25
N GLY A 42 -0.07 -15.01 -14.52
CA GLY A 42 -0.20 -15.93 -15.63
C GLY A 42 0.45 -17.28 -15.40
N GLU A 43 0.81 -17.61 -14.16
CA GLU A 43 1.69 -18.75 -13.91
C GLU A 43 0.99 -20.09 -14.11
N LYS A 44 -0.35 -20.12 -14.17
CA LYS A 44 -1.05 -21.37 -14.49
C LYS A 44 -1.20 -21.61 -15.99
N GLY A 45 -0.73 -20.68 -16.82
CA GLY A 45 -0.85 -20.79 -18.26
C GLY A 45 -1.97 -19.97 -18.88
N PHE A 46 -2.75 -19.25 -18.07
CA PHE A 46 -3.79 -18.35 -18.54
C PHE A 46 -3.92 -17.23 -17.52
N GLY A 47 -4.60 -16.15 -17.90
CA GLY A 47 -4.73 -15.04 -16.96
C GLY A 47 -5.23 -13.81 -17.66
N TYR A 48 -5.05 -12.67 -16.98
CA TYR A 48 -5.65 -11.40 -17.37
C TYR A 48 -4.87 -10.66 -18.45
N LYS A 49 -3.58 -10.91 -18.58
CA LYS A 49 -2.79 -10.19 -19.57
C LYS A 49 -3.43 -10.29 -20.95
N GLY A 50 -3.70 -9.13 -21.56
CA GLY A 50 -4.26 -9.05 -22.88
C GLY A 50 -5.77 -8.95 -22.93
N SER A 51 -6.47 -9.12 -21.79
CA SER A 51 -7.92 -9.09 -21.77
C SER A 51 -8.40 -7.67 -21.45
N THR A 52 -9.72 -7.48 -21.37
CA THR A 52 -10.30 -6.14 -21.42
C THR A 52 -11.15 -5.83 -20.19
N PHE A 53 -11.39 -4.52 -20.00
CA PHE A 53 -12.48 -4.03 -19.17
C PHE A 53 -13.67 -3.89 -20.12
N HIS A 54 -14.59 -4.84 -20.06
CA HIS A 54 -15.65 -4.92 -21.05
C HIS A 54 -16.92 -4.25 -20.59
N ARG A 55 -17.05 -3.99 -19.29
N ARG A 55 -17.03 -3.93 -19.30
CA ARG A 55 -18.22 -3.35 -18.73
CA ARG A 55 -18.25 -3.38 -18.70
C ARG A 55 -17.72 -2.29 -17.78
C ARG A 55 -17.84 -2.29 -17.72
N VAL A 56 -18.02 -1.03 -18.09
CA VAL A 56 -17.53 0.09 -17.29
C VAL A 56 -18.67 1.08 -17.13
N ILE A 57 -19.12 1.28 -15.89
CA ILE A 57 -20.29 2.12 -15.63
C ILE A 57 -19.90 3.29 -14.73
N PRO A 58 -19.91 4.53 -15.24
CA PRO A 58 -19.53 5.67 -14.39
C PRO A 58 -20.37 5.76 -13.13
N SER A 59 -19.72 6.20 -12.05
CA SER A 59 -20.32 6.26 -10.72
C SER A 59 -20.80 4.90 -10.23
N PHE A 60 -20.15 3.82 -10.68
CA PHE A 60 -20.47 2.49 -10.18
C PHE A 60 -19.20 1.66 -10.12
N MET A 61 -18.72 1.18 -11.27
CA MET A 61 -17.59 0.27 -11.20
C MET A 61 -17.05 -0.01 -12.59
N CYS A 62 -15.85 -0.58 -12.61
CA CYS A 62 -15.16 -1.03 -13.81
C CYS A 62 -14.99 -2.53 -13.72
N GLN A 63 -15.50 -3.27 -14.72
CA GLN A 63 -15.51 -4.73 -14.64
C GLN A 63 -14.64 -5.34 -15.73
N ALA A 64 -13.86 -6.36 -15.36
CA ALA A 64 -12.93 -6.99 -16.29
C ALA A 64 -12.83 -8.46 -15.92
N GLY A 65 -11.89 -9.17 -16.55
CA GLY A 65 -11.53 -10.53 -16.17
C GLY A 65 -12.12 -11.62 -17.02
N ASP A 66 -12.99 -11.30 -17.98
CA ASP A 66 -13.51 -12.35 -18.88
C ASP A 66 -12.50 -12.52 -20.00
N PHE A 67 -11.44 -13.31 -19.73
CA PHE A 67 -10.37 -13.46 -20.69
C PHE A 67 -10.62 -14.58 -21.69
N THR A 68 -11.79 -15.24 -21.64
CA THR A 68 -12.12 -16.28 -22.62
C THR A 68 -13.12 -15.81 -23.66
N ASN A 69 -14.16 -15.08 -23.25
CA ASN A 69 -15.20 -14.61 -24.16
C ASN A 69 -15.24 -13.10 -24.28
N HIS A 70 -14.58 -12.37 -23.37
CA HIS A 70 -14.42 -10.91 -23.48
C HIS A 70 -15.75 -10.17 -23.51
N ASN A 71 -16.79 -10.73 -22.91
CA ASN A 71 -18.09 -10.08 -23.00
C ASN A 71 -18.96 -10.26 -21.76
N GLY A 72 -18.42 -10.80 -20.66
CA GLY A 72 -19.13 -11.02 -19.42
C GLY A 72 -19.70 -12.40 -19.25
N THR A 73 -19.58 -13.27 -20.24
CA THR A 73 -20.09 -14.62 -20.11
C THR A 73 -19.05 -15.63 -19.66
N GLY A 74 -17.76 -15.26 -19.70
CA GLY A 74 -16.70 -16.23 -19.56
C GLY A 74 -15.70 -15.95 -18.45
N GLY A 75 -14.48 -16.35 -18.68
CA GLY A 75 -13.51 -16.44 -17.61
C GLY A 75 -13.56 -17.79 -16.89
N LYS A 76 -12.47 -18.10 -16.21
CA LYS A 76 -12.34 -19.30 -15.40
C LYS A 76 -11.31 -19.05 -14.32
N SER A 77 -11.45 -19.79 -13.22
CA SER A 77 -10.54 -19.69 -12.09
C SER A 77 -9.41 -20.68 -12.24
N ILE A 78 -8.41 -20.53 -11.37
CA ILE A 78 -7.29 -21.49 -11.38
C ILE A 78 -7.68 -22.83 -10.78
N TYR A 79 -8.89 -22.92 -10.20
CA TYR A 79 -9.40 -24.14 -9.57
C TYR A 79 -10.30 -24.96 -10.48
N GLY A 80 -10.88 -24.33 -11.49
CA GLY A 80 -11.94 -24.92 -12.28
C GLY A 80 -12.81 -23.82 -12.85
N SER A 81 -13.95 -24.23 -13.42
CA SER A 81 -14.79 -23.26 -14.11
C SER A 81 -15.50 -22.32 -13.14
N ARG A 82 -15.72 -22.71 -11.90
CA ARG A 82 -16.34 -21.86 -10.90
C ARG A 82 -15.88 -22.32 -9.53
N PHE A 83 -15.87 -21.42 -8.55
CA PHE A 83 -15.61 -21.83 -7.18
C PHE A 83 -16.51 -21.12 -6.18
N PRO A 84 -16.70 -21.72 -5.00
CA PRO A 84 -17.67 -21.18 -4.04
C PRO A 84 -17.31 -19.79 -3.55
N ASP A 85 -18.33 -19.12 -3.04
CA ASP A 85 -18.13 -17.88 -2.31
C ASP A 85 -17.38 -18.20 -1.01
N GLU A 86 -16.18 -17.64 -0.89
CA GLU A 86 -15.31 -17.98 0.23
C GLU A 86 -15.86 -17.46 1.55
N ASN A 87 -16.12 -16.16 1.63
CA ASN A 87 -16.84 -15.56 2.75
C ASN A 87 -17.23 -14.15 2.31
N PHE A 88 -18.03 -13.48 3.14
CA PHE A 88 -18.42 -12.09 2.87
C PHE A 88 -17.97 -11.17 3.99
N THR A 89 -16.80 -11.45 4.55
CA THR A 89 -16.36 -10.69 5.70
C THR A 89 -16.03 -9.26 5.32
N LEU A 90 -15.34 -9.07 4.21
CA LEU A 90 -15.06 -7.72 3.72
C LEU A 90 -16.27 -7.14 3.00
N LYS A 91 -16.44 -5.83 3.14
CA LYS A 91 -17.62 -5.14 2.61
C LYS A 91 -17.25 -4.11 1.56
N HIS A 92 -18.26 -3.75 0.76
CA HIS A 92 -18.09 -2.77 -0.32
C HIS A 92 -18.22 -1.39 0.32
N VAL A 93 -17.11 -0.91 0.86
CA VAL A 93 -17.16 0.24 1.78
C VAL A 93 -17.02 1.57 1.05
N GLY A 94 -16.46 1.57 -0.16
CA GLY A 94 -16.30 2.77 -0.93
C GLY A 94 -15.56 2.55 -2.24
N PRO A 95 -15.17 3.64 -2.88
CA PRO A 95 -14.33 3.55 -4.08
C PRO A 95 -13.02 2.81 -3.79
N GLY A 96 -12.57 2.03 -4.78
CA GLY A 96 -11.32 1.31 -4.69
C GLY A 96 -11.44 -0.12 -4.26
N VAL A 97 -12.62 -0.54 -3.80
CA VAL A 97 -12.85 -1.93 -3.44
C VAL A 97 -12.71 -2.82 -4.67
N LEU A 98 -12.02 -3.95 -4.48
CA LEU A 98 -11.86 -5.00 -5.48
C LEU A 98 -12.71 -6.20 -5.07
N SER A 99 -13.61 -6.62 -5.97
CA SER A 99 -14.62 -7.61 -5.64
C SER A 99 -14.85 -8.55 -6.82
N MET A 100 -15.42 -9.72 -6.54
CA MET A 100 -15.69 -10.75 -7.56
C MET A 100 -17.03 -10.52 -8.22
N ALA A 101 -17.01 -10.44 -9.55
CA ALA A 101 -18.24 -10.55 -10.32
C ALA A 101 -18.76 -11.98 -10.23
N ASN A 102 -20.07 -12.16 -10.36
CA ASN A 102 -20.58 -13.52 -10.40
C ASN A 102 -21.90 -13.56 -11.15
N ALA A 103 -22.42 -14.77 -11.28
CA ALA A 103 -23.70 -15.06 -11.91
C ALA A 103 -24.62 -15.73 -10.90
N GLY A 104 -24.56 -15.28 -9.65
CA GLY A 104 -25.30 -15.92 -8.59
C GLY A 104 -24.39 -16.61 -7.58
N PRO A 105 -24.99 -17.22 -6.57
CA PRO A 105 -24.19 -17.87 -5.54
C PRO A 105 -23.21 -18.88 -6.12
N ASN A 106 -22.00 -18.85 -5.61
CA ASN A 106 -20.98 -19.87 -5.89
C ASN A 106 -20.69 -20.00 -7.38
N THR A 107 -20.49 -18.86 -8.04
CA THR A 107 -20.11 -18.83 -9.44
C THR A 107 -18.89 -17.94 -9.69
N ASN A 108 -17.97 -17.86 -8.73
CA ASN A 108 -16.76 -17.07 -8.95
C ASN A 108 -15.90 -17.76 -9.99
N GLY A 109 -15.35 -16.95 -10.92
CA GLY A 109 -14.41 -17.48 -11.91
C GLY A 109 -13.16 -16.62 -11.93
N SER A 110 -13.08 -15.75 -12.93
CA SER A 110 -12.02 -14.74 -12.99
C SER A 110 -12.54 -13.31 -13.12
N GLN A 111 -13.82 -13.10 -13.42
CA GLN A 111 -14.30 -11.73 -13.59
C GLN A 111 -14.35 -11.02 -12.25
N PHE A 112 -14.03 -9.73 -12.26
CA PHE A 112 -13.85 -8.93 -11.07
C PHE A 112 -14.26 -7.51 -11.42
N PHE A 113 -14.43 -6.69 -10.39
CA PHE A 113 -14.71 -5.28 -10.62
C PHE A 113 -13.98 -4.48 -9.57
N ILE A 114 -13.62 -3.25 -9.94
CA ILE A 114 -13.08 -2.23 -9.04
C ILE A 114 -14.15 -1.15 -8.92
N CYS A 115 -14.57 -0.87 -7.69
CA CYS A 115 -15.66 0.07 -7.43
C CYS A 115 -15.17 1.51 -7.57
N THR A 116 -16.03 2.37 -8.10
CA THR A 116 -15.76 3.82 -8.06
C THR A 116 -16.72 4.55 -7.15
N ILE A 117 -17.52 3.81 -6.38
CA ILE A 117 -18.46 4.32 -5.38
C ILE A 117 -18.62 3.22 -4.35
N LYS A 118 -19.19 3.56 -3.19
CA LYS A 118 -19.59 2.57 -2.19
C LYS A 118 -20.73 1.73 -2.76
N THR A 119 -20.48 0.44 -3.00
CA THR A 119 -21.50 -0.45 -3.55
C THR A 119 -22.02 -1.41 -2.48
N ASP A 120 -22.55 -0.86 -1.39
CA ASP A 120 -22.89 -1.65 -0.23
C ASP A 120 -24.09 -2.57 -0.47
N TRP A 121 -24.91 -2.29 -1.48
CA TRP A 121 -26.01 -3.18 -1.82
C TRP A 121 -25.49 -4.52 -2.34
N LEU A 122 -24.20 -4.64 -2.56
CA LEU A 122 -23.61 -5.92 -2.98
C LEU A 122 -23.05 -6.71 -1.82
N ASP A 123 -23.08 -6.16 -0.62
CA ASP A 123 -22.56 -6.87 0.55
C ASP A 123 -23.29 -8.20 0.75
N GLY A 124 -22.53 -9.25 1.00
CA GLY A 124 -23.12 -10.54 1.23
C GLY A 124 -23.42 -11.32 -0.03
N GLN A 125 -23.15 -10.76 -1.19
CA GLN A 125 -23.41 -11.41 -2.46
C GLN A 125 -22.20 -11.44 -3.39
N HIS A 126 -21.27 -10.51 -3.24
CA HIS A 126 -20.03 -10.55 -4.00
C HIS A 126 -18.87 -10.57 -3.02
N VAL A 127 -17.90 -11.43 -3.28
CA VAL A 127 -16.77 -11.60 -2.37
C VAL A 127 -15.77 -10.50 -2.64
N VAL A 128 -15.64 -9.57 -1.69
CA VAL A 128 -14.59 -8.57 -1.68
C VAL A 128 -13.27 -9.20 -1.26
N PHE A 129 -12.19 -8.85 -1.97
CA PHE A 129 -10.92 -9.49 -1.71
C PHE A 129 -9.71 -8.57 -1.85
N GLY A 130 -9.89 -7.26 -1.93
CA GLY A 130 -8.74 -6.38 -2.06
C GLY A 130 -9.20 -4.94 -2.21
N HIS A 131 -8.20 -4.06 -2.41
CA HIS A 131 -8.49 -2.65 -2.63
C HIS A 131 -7.32 -2.01 -3.37
N VAL A 132 -7.59 -0.83 -3.92
CA VAL A 132 -6.58 -0.07 -4.65
C VAL A 132 -5.63 0.60 -3.66
N ILE A 133 -4.34 0.34 -3.85
CA ILE A 133 -3.27 0.98 -3.08
C ILE A 133 -2.84 2.29 -3.75
N GLU A 134 -2.65 2.26 -5.07
CA GLU A 134 -2.37 3.45 -5.86
C GLU A 134 -2.92 3.27 -7.26
N GLY A 135 -2.98 4.37 -8.00
CA GLY A 135 -3.50 4.33 -9.36
C GLY A 135 -4.99 4.50 -9.45
N MET A 136 -5.64 5.02 -8.42
CA MET A 136 -7.06 5.27 -8.51
C MET A 136 -7.37 6.33 -9.56
N ASP A 137 -6.41 7.21 -9.86
CA ASP A 137 -6.57 8.12 -11.00
C ASP A 137 -6.64 7.34 -12.31
N VAL A 138 -5.94 6.22 -12.39
CA VAL A 138 -6.03 5.38 -13.58
C VAL A 138 -7.41 4.74 -13.68
N VAL A 139 -7.94 4.28 -12.54
CA VAL A 139 -9.29 3.74 -12.49
C VAL A 139 -10.29 4.77 -12.97
N LYS A 140 -10.10 6.02 -12.55
CA LYS A 140 -10.95 7.11 -13.00
C LYS A 140 -10.87 7.32 -14.50
N LYS A 141 -9.68 7.18 -15.09
CA LYS A 141 -9.57 7.29 -16.54
C LYS A 141 -10.34 6.17 -17.23
N ILE A 142 -10.16 4.93 -16.76
CA ILE A 142 -10.98 3.83 -17.26
C ILE A 142 -12.45 4.18 -17.17
N GLU A 143 -12.88 4.61 -15.98
CA GLU A 143 -14.28 4.97 -15.76
C GLU A 143 -14.77 5.97 -16.79
N SER A 144 -13.91 6.92 -17.16
CA SER A 144 -14.30 7.98 -18.09
C SER A 144 -14.60 7.46 -19.48
N PHE A 145 -14.18 6.24 -19.82
CA PHE A 145 -14.47 5.67 -21.13
C PHE A 145 -15.62 4.69 -21.08
N GLY A 146 -16.34 4.65 -19.96
CA GLY A 146 -17.53 3.83 -19.83
C GLY A 146 -18.79 4.61 -20.11
N SER A 147 -19.92 3.99 -19.79
CA SER A 147 -21.20 4.64 -20.01
C SER A 147 -22.24 3.94 -19.16
N LYS A 148 -23.44 4.50 -19.17
CA LYS A 148 -24.47 4.01 -18.26
C LYS A 148 -24.88 2.58 -18.59
N SER A 149 -24.82 2.20 -19.86
CA SER A 149 -25.08 0.82 -20.27
C SER A 149 -23.93 -0.14 -19.99
N GLY A 150 -22.75 0.41 -19.69
CA GLY A 150 -21.54 -0.37 -19.50
C GLY A 150 -20.65 -0.43 -20.72
N ARG A 151 -21.18 -0.07 -21.89
CA ARG A 151 -20.39 -0.13 -23.10
C ARG A 151 -19.26 0.88 -23.05
N THR A 152 -18.06 0.46 -23.43
CA THR A 152 -16.93 1.36 -23.42
C THR A 152 -16.78 2.05 -24.78
N SER A 153 -16.27 3.29 -24.75
CA SER A 153 -16.06 4.06 -25.96
C SER A 153 -14.66 3.90 -26.55
N LYS A 154 -13.72 3.30 -25.81
CA LYS A 154 -12.45 2.84 -26.35
C LYS A 154 -12.20 1.40 -25.88
N LYS A 155 -11.32 0.68 -26.57
CA LYS A 155 -10.99 -0.68 -26.13
C LYS A 155 -10.00 -0.59 -24.99
N ILE A 156 -10.43 -1.00 -23.80
CA ILE A 156 -9.66 -0.87 -22.56
C ILE A 156 -9.03 -2.24 -22.30
N VAL A 157 -7.71 -2.32 -22.40
CA VAL A 157 -6.98 -3.58 -22.36
C VAL A 157 -6.01 -3.60 -21.19
N ILE A 158 -5.94 -4.73 -20.49
CA ILE A 158 -4.89 -4.94 -19.49
C ILE A 158 -3.65 -5.38 -20.28
N THR A 159 -2.78 -4.43 -20.59
CA THR A 159 -1.63 -4.76 -21.43
C THR A 159 -0.64 -5.65 -20.71
N ASP A 160 -0.52 -5.48 -19.41
CA ASP A 160 0.41 -6.28 -18.64
C ASP A 160 -0.10 -6.31 -17.21
N CYS A 161 0.28 -7.35 -16.48
CA CYS A 161 -0.09 -7.46 -15.09
C CYS A 161 0.89 -8.40 -14.40
N GLY A 162 0.93 -8.35 -13.09
CA GLY A 162 1.85 -9.20 -12.34
C GLY A 162 1.85 -8.86 -10.87
N GLN A 163 2.92 -9.29 -10.19
CA GLN A 163 3.04 -9.19 -8.75
C GLN A 163 4.24 -8.32 -8.38
N LEU A 164 4.04 -7.42 -7.41
CA LEU A 164 5.11 -6.53 -6.92
C LEU A 164 5.75 -7.00 -5.62
N SER A 165 4.99 -7.68 -4.77
CA SER A 165 5.50 -8.29 -3.54
C SER A 165 4.41 -9.20 -2.96
N GLY B 2 4.29 23.16 -0.51
CA GLY B 2 5.24 23.23 0.58
C GLY B 2 5.41 21.91 1.31
N ASN B 3 6.66 21.56 1.61
CA ASN B 3 6.93 20.30 2.32
C ASN B 3 6.47 20.39 3.77
N PRO B 4 5.85 19.34 4.31
CA PRO B 4 5.47 19.34 5.72
C PRO B 4 6.66 19.40 6.66
N LEU B 5 6.46 20.05 7.80
CA LEU B 5 7.33 19.93 8.97
C LEU B 5 6.54 19.16 10.01
N VAL B 6 7.07 18.03 10.47
CA VAL B 6 6.42 17.25 11.52
C VAL B 6 7.40 17.07 12.68
N TYR B 7 6.86 16.61 13.82
CA TYR B 7 7.67 16.45 15.02
C TYR B 7 7.37 15.14 15.73
N LEU B 8 8.41 14.64 16.40
CA LEU B 8 8.33 13.53 17.35
C LEU B 8 8.83 14.00 18.72
N ASP B 9 8.00 13.85 19.73
CA ASP B 9 8.41 14.03 21.13
C ASP B 9 8.69 12.65 21.71
N VAL B 10 9.92 12.43 22.17
CA VAL B 10 10.39 11.10 22.55
C VAL B 10 10.82 11.09 24.02
N ASP B 11 10.41 10.06 24.75
CA ASP B 11 10.86 9.88 26.12
C ASP B 11 11.57 8.53 26.27
N ALA B 12 12.34 8.42 27.34
CA ALA B 12 13.04 7.19 27.74
C ALA B 12 12.60 6.85 29.15
N ASN B 13 11.96 5.70 29.32
CA ASN B 13 11.38 5.32 30.62
C ASN B 13 10.57 6.45 31.23
N GLY B 14 9.77 7.12 30.40
CA GLY B 14 8.85 8.14 30.86
C GLY B 14 9.46 9.52 31.02
N LYS B 15 10.71 9.65 30.80
CA LYS B 15 11.40 10.92 30.99
C LYS B 15 11.63 11.59 29.64
N PRO B 16 11.22 12.83 29.44
CA PRO B 16 11.35 13.42 28.10
C PRO B 16 12.80 13.58 27.69
N LEU B 17 13.07 13.26 26.43
CA LEU B 17 14.35 13.52 25.80
C LEU B 17 14.34 14.78 24.95
N GLY B 18 13.17 15.30 24.58
CA GLY B 18 13.11 16.38 23.63
C GLY B 18 12.33 16.09 22.36
N ARG B 19 12.51 16.92 21.34
CA ARG B 19 11.68 16.92 20.14
C ARG B 19 12.55 16.83 18.90
N VAL B 20 12.22 15.89 18.02
CA VAL B 20 12.82 15.80 16.70
C VAL B 20 11.88 16.45 15.70
N VAL B 21 12.38 17.39 14.91
CA VAL B 21 11.62 18.01 13.83
C VAL B 21 12.14 17.49 12.49
N LEU B 22 11.23 17.04 11.64
CA LEU B 22 11.59 16.44 10.37
C LEU B 22 10.94 17.18 9.21
N GLU B 23 11.69 17.40 8.13
CA GLU B 23 11.13 17.84 6.87
C GLU B 23 10.81 16.62 6.05
N LEU B 24 9.60 16.58 5.52
CA LEU B 24 9.17 15.49 4.65
C LEU B 24 9.17 15.99 3.21
N LYS B 25 9.90 15.27 2.35
CA LYS B 25 10.18 15.71 0.99
C LYS B 25 9.02 15.32 0.04
N ALA B 26 7.85 15.89 0.35
CA ALA B 26 6.66 15.68 -0.47
C ALA B 26 6.88 16.12 -1.90
N ASP B 27 7.83 17.03 -2.15
CA ASP B 27 8.11 17.46 -3.51
C ASP B 27 8.81 16.40 -4.32
N VAL B 28 9.36 15.37 -3.68
CA VAL B 28 10.07 14.30 -4.36
C VAL B 28 9.35 12.97 -4.19
N VAL B 29 8.81 12.69 -3.01
CA VAL B 29 8.12 11.42 -2.75
C VAL B 29 6.80 11.76 -2.06
N PRO B 30 5.80 12.25 -2.81
CA PRO B 30 4.54 12.67 -2.20
C PRO B 30 3.78 11.57 -1.47
N LYS B 31 3.71 10.35 -2.04
CA LYS B 31 2.95 9.30 -1.38
C LYS B 31 3.62 8.86 -0.09
N THR B 32 4.96 8.78 -0.10
CA THR B 32 5.67 8.34 1.10
C THR B 32 5.66 9.43 2.17
N ALA B 33 5.85 10.68 1.76
CA ALA B 33 5.75 11.78 2.71
C ALA B 33 4.37 11.88 3.33
N GLU B 34 3.31 11.72 2.51
CA GLU B 34 1.97 11.85 3.05
C GLU B 34 1.66 10.75 4.06
N ASN B 35 2.13 9.53 3.77
CA ASN B 35 1.92 8.44 4.73
C ASN B 35 2.52 8.81 6.08
N PHE B 36 3.78 9.25 6.10
CA PHE B 36 4.42 9.60 7.36
C PHE B 36 3.72 10.75 8.05
N ARG B 37 3.35 11.78 7.28
CA ARG B 37 2.67 12.95 7.85
C ARG B 37 1.38 12.54 8.55
N ALA B 38 0.53 11.77 7.85
CA ALA B 38 -0.73 11.34 8.44
C ALA B 38 -0.51 10.45 9.66
N LEU B 39 0.54 9.62 9.65
CA LEU B 39 0.80 8.78 10.81
C LEU B 39 1.29 9.58 12.01
N CYS B 40 1.89 10.77 11.77
CA CYS B 40 2.24 11.68 12.86
C CYS B 40 1.00 12.37 13.44
N THR B 41 0.07 12.81 12.59
CA THR B 41 -1.12 13.47 13.13
C THR B 41 -2.12 12.49 13.72
N GLY B 42 -2.07 11.21 13.32
CA GLY B 42 -3.04 10.24 13.74
C GLY B 42 -4.40 10.40 13.07
N GLU B 43 -4.50 11.21 12.03
CA GLU B 43 -5.80 11.60 11.49
C GLU B 43 -6.55 10.47 10.81
N LYS B 44 -5.91 9.34 10.49
CA LYS B 44 -6.62 8.19 9.93
C LYS B 44 -7.13 7.23 11.01
N GLY B 45 -6.89 7.53 12.29
CA GLY B 45 -7.32 6.67 13.37
C GLY B 45 -6.24 5.81 13.96
N PHE B 46 -5.03 5.83 13.38
CA PHE B 46 -3.88 5.12 13.93
C PHE B 46 -2.62 5.92 13.60
N GLY B 47 -1.52 5.55 14.22
CA GLY B 47 -0.27 6.20 13.90
C GLY B 47 0.77 5.97 14.98
N TYR B 48 1.78 6.84 14.97
CA TYR B 48 2.97 6.67 15.78
C TYR B 48 2.81 7.02 17.26
N LYS B 49 1.87 7.88 17.63
CA LYS B 49 1.79 8.27 19.05
C LYS B 49 1.70 7.04 19.95
N GLY B 50 2.57 6.98 20.95
CA GLY B 50 2.53 5.92 21.92
C GLY B 50 3.40 4.73 21.60
N SER B 51 3.93 4.65 20.37
CA SER B 51 4.74 3.51 19.93
C SER B 51 6.23 3.81 20.15
N THR B 52 7.10 2.83 19.83
CA THR B 52 8.46 2.82 20.36
C THR B 52 9.51 2.85 19.26
N PHE B 53 10.73 3.25 19.64
CA PHE B 53 11.95 2.94 18.88
C PHE B 53 12.42 1.58 19.37
N HIS B 54 12.19 0.53 18.59
CA HIS B 54 12.45 -0.83 19.07
C HIS B 54 13.80 -1.38 18.65
N ARG B 55 14.47 -0.75 17.68
CA ARG B 55 15.77 -1.19 17.17
C ARG B 55 16.63 0.06 17.01
N VAL B 56 17.62 0.20 17.86
CA VAL B 56 18.47 1.38 17.90
C VAL B 56 19.92 0.88 17.93
N ILE B 57 20.69 1.24 16.92
CA ILE B 57 22.05 0.72 16.73
C ILE B 57 23.01 1.90 16.64
N PRO B 58 23.88 2.09 17.63
CA PRO B 58 24.81 3.21 17.59
C PRO B 58 25.68 3.17 16.34
N SER B 59 25.99 4.35 15.81
CA SER B 59 26.78 4.50 14.60
C SER B 59 26.08 3.90 13.39
N PHE B 60 24.76 3.79 13.45
CA PHE B 60 23.97 3.29 12.33
C PHE B 60 22.66 4.05 12.25
N MET B 61 21.66 3.69 13.06
CA MET B 61 20.35 4.30 12.91
C MET B 61 19.44 3.97 14.08
N CYS B 62 18.36 4.74 14.19
CA CYS B 62 17.30 4.53 15.17
C CYS B 62 16.02 4.19 14.42
N GLN B 63 15.43 3.02 14.72
CA GLN B 63 14.30 2.52 13.95
C GLN B 63 13.04 2.51 14.80
N ALA B 64 11.92 2.94 14.21
CA ALA B 64 10.67 3.02 14.92
C ALA B 64 9.53 2.70 13.96
N GLY B 65 8.29 2.92 14.43
CA GLY B 65 7.14 2.88 13.56
C GLY B 65 6.35 1.59 13.56
N ASP B 66 6.78 0.56 14.28
CA ASP B 66 5.98 -0.66 14.37
C ASP B 66 4.97 -0.48 15.50
N PHE B 67 3.87 0.21 15.18
CA PHE B 67 2.86 0.54 16.18
C PHE B 67 1.81 -0.55 16.34
N THR B 68 1.94 -1.69 15.67
CA THR B 68 1.05 -2.81 15.88
C THR B 68 1.67 -3.95 16.67
N ASN B 69 2.93 -4.29 16.40
CA ASN B 69 3.60 -5.39 17.07
C ASN B 69 4.80 -4.98 17.91
N HIS B 70 5.31 -3.74 17.74
CA HIS B 70 6.31 -3.16 18.63
C HIS B 70 7.61 -3.96 18.65
N ASN B 71 7.91 -4.66 17.55
CA ASN B 71 9.07 -5.55 17.54
C ASN B 71 9.71 -5.69 16.16
N GLY B 72 9.29 -4.93 15.15
CA GLY B 72 9.87 -4.96 13.84
C GLY B 72 9.16 -5.85 12.83
N THR B 73 8.12 -6.56 13.25
CA THR B 73 7.35 -7.36 12.31
C THR B 73 6.10 -6.66 11.79
N GLY B 74 5.69 -5.52 12.37
CA GLY B 74 4.40 -4.92 12.05
C GLY B 74 4.43 -3.48 11.54
N GLY B 75 3.39 -2.73 11.88
CA GLY B 75 3.15 -1.48 11.20
C GLY B 75 2.29 -1.66 9.96
N LYS B 76 1.62 -0.57 9.58
CA LYS B 76 0.84 -0.51 8.34
C LYS B 76 0.79 0.93 7.85
N SER B 77 0.55 1.07 6.57
CA SER B 77 0.48 2.39 5.95
C SER B 77 -0.96 2.87 5.95
N ILE B 78 -1.14 4.15 5.60
CA ILE B 78 -2.48 4.68 5.44
C ILE B 78 -3.16 4.18 4.18
N TYR B 79 -2.44 3.46 3.32
CA TYR B 79 -3.00 2.95 2.08
C TYR B 79 -3.43 1.50 2.19
N GLY B 80 -2.91 0.79 3.16
CA GLY B 80 -3.01 -0.65 3.21
C GLY B 80 -1.82 -1.21 3.96
N SER B 81 -1.67 -2.54 3.89
CA SER B 81 -0.65 -3.20 4.70
C SER B 81 0.75 -3.00 4.15
N ARG B 82 0.89 -2.68 2.88
CA ARG B 82 2.18 -2.42 2.28
C ARG B 82 1.96 -1.55 1.07
N PHE B 83 2.99 -0.79 0.68
CA PHE B 83 2.86 -0.04 -0.56
C PHE B 83 4.19 0.01 -1.27
N PRO B 84 4.18 0.24 -2.59
CA PRO B 84 5.39 0.11 -3.38
C PRO B 84 6.43 1.16 -3.03
N ASP B 85 7.66 0.83 -3.39
CA ASP B 85 8.74 1.81 -3.36
C ASP B 85 8.46 2.90 -4.38
N GLU B 86 8.36 4.13 -3.89
CA GLU B 86 7.91 5.24 -4.73
C GLU B 86 8.97 5.66 -5.72
N ASN B 87 10.15 6.00 -5.23
CA ASN B 87 11.34 6.15 -6.06
C ASN B 87 12.53 6.12 -5.12
N PHE B 88 13.74 6.12 -5.71
CA PHE B 88 14.97 6.13 -4.92
C PHE B 88 15.80 7.36 -5.25
N THR B 89 15.11 8.46 -5.49
CA THR B 89 15.79 9.66 -5.96
C THR B 89 16.67 10.25 -4.88
N LEU B 90 16.17 10.31 -3.66
CA LEU B 90 16.93 10.81 -2.51
C LEU B 90 17.84 9.70 -1.98
N LYS B 91 19.06 10.07 -1.60
CA LYS B 91 20.05 9.12 -1.13
C LYS B 91 20.31 9.26 0.37
N HIS B 92 20.95 8.23 0.92
CA HIS B 92 21.33 8.18 2.33
C HIS B 92 22.66 8.90 2.47
N VAL B 93 22.57 10.23 2.53
CA VAL B 93 23.78 11.03 2.38
C VAL B 93 24.55 11.21 3.67
N GLY B 94 23.91 11.07 4.83
CA GLY B 94 24.58 11.25 6.10
C GLY B 94 23.65 11.14 7.30
N PRO B 95 24.13 11.50 8.48
CA PRO B 95 23.26 11.54 9.66
C PRO B 95 22.05 12.45 9.42
N GLY B 96 20.92 12.08 10.02
CA GLY B 96 19.70 12.85 9.94
C GLY B 96 18.76 12.46 8.82
N VAL B 97 19.23 11.64 7.87
CA VAL B 97 18.36 11.10 6.83
C VAL B 97 17.22 10.30 7.45
N LEU B 98 16.02 10.50 6.91
CA LEU B 98 14.81 9.79 7.29
C LEU B 98 14.42 8.88 6.14
N SER B 99 14.31 7.58 6.41
CA SER B 99 14.14 6.59 5.35
C SER B 99 13.20 5.49 5.81
N MET B 100 12.62 4.76 4.85
CA MET B 100 11.67 3.70 5.15
C MET B 100 12.38 2.39 5.41
N ALA B 101 12.03 1.74 6.53
CA ALA B 101 12.42 0.34 6.73
C ALA B 101 11.56 -0.51 5.83
N ASN B 102 12.03 -1.73 5.50
CA ASN B 102 11.20 -2.62 4.71
C ASN B 102 11.66 -4.06 4.92
N ALA B 103 10.92 -4.95 4.28
CA ALA B 103 11.19 -6.38 4.28
C ALA B 103 11.44 -6.85 2.86
N GLY B 104 12.13 -6.02 2.07
CA GLY B 104 12.36 -6.30 0.68
C GLY B 104 11.61 -5.35 -0.23
N PRO B 105 11.69 -5.57 -1.53
CA PRO B 105 11.06 -4.67 -2.50
C PRO B 105 9.57 -4.51 -2.24
N ASN B 106 9.10 -3.27 -2.28
CA ASN B 106 7.66 -2.96 -2.24
C ASN B 106 6.99 -3.51 -0.99
N THR B 107 7.61 -3.28 0.16
CA THR B 107 7.02 -3.63 1.44
C THR B 107 7.00 -2.47 2.43
N ASN B 108 6.84 -1.23 1.96
CA ASN B 108 6.72 -0.11 2.88
C ASN B 108 5.43 -0.19 3.67
N GLY B 109 5.50 0.12 4.96
CA GLY B 109 4.32 0.18 5.79
C GLY B 109 4.38 1.45 6.59
N SER B 110 4.78 1.34 7.85
CA SER B 110 5.00 2.51 8.71
C SER B 110 6.36 2.55 9.37
N GLN B 111 7.10 1.43 9.42
CA GLN B 111 8.40 1.46 10.05
C GLN B 111 9.37 2.34 9.26
N PHE B 112 10.18 3.08 9.98
CA PHE B 112 11.11 4.03 9.40
C PHE B 112 12.36 4.05 10.25
N PHE B 113 13.37 4.76 9.75
CA PHE B 113 14.56 4.94 10.56
C PHE B 113 15.15 6.31 10.30
N ILE B 114 15.89 6.78 11.31
CA ILE B 114 16.64 8.04 11.28
C ILE B 114 18.11 7.64 11.40
N CYS B 115 18.88 8.00 10.39
CA CYS B 115 20.28 7.63 10.29
C CYS B 115 21.13 8.42 11.27
N THR B 116 22.13 7.79 11.86
CA THR B 116 23.12 8.54 12.63
C THR B 116 24.49 8.47 11.97
N ILE B 117 24.55 8.01 10.72
CA ILE B 117 25.75 7.92 9.92
C ILE B 117 25.28 7.90 8.47
N LYS B 118 26.18 8.12 7.53
CA LYS B 118 25.87 7.94 6.12
C LYS B 118 25.63 6.45 5.85
N THR B 119 24.41 6.08 5.44
CA THR B 119 24.10 4.67 5.18
C THR B 119 23.92 4.42 3.69
N ASP B 120 24.95 4.75 2.91
CA ASP B 120 24.83 4.76 1.47
C ASP B 120 24.68 3.36 0.87
N TRP B 121 25.01 2.31 1.63
CA TRP B 121 24.76 0.96 1.15
C TRP B 121 23.28 0.62 1.07
N LEU B 122 22.40 1.51 1.55
CA LEU B 122 20.96 1.34 1.44
C LEU B 122 20.35 2.08 0.25
N ASP B 123 21.16 2.87 -0.47
CA ASP B 123 20.67 3.56 -1.65
C ASP B 123 20.06 2.58 -2.65
N GLY B 124 18.89 2.95 -3.19
CA GLY B 124 18.25 2.12 -4.19
C GLY B 124 17.42 1.00 -3.62
N GLN B 125 17.43 0.82 -2.30
CA GLN B 125 16.69 -0.26 -1.67
C GLN B 125 15.74 0.24 -0.59
N HIS B 126 16.04 1.38 0.02
CA HIS B 126 15.15 1.99 0.99
C HIS B 126 14.80 3.39 0.52
N VAL B 127 13.52 3.76 0.61
CA VAL B 127 13.05 5.05 0.11
C VAL B 127 13.32 6.12 1.16
N VAL B 128 14.21 7.04 0.82
CA VAL B 128 14.48 8.23 1.63
C VAL B 128 13.40 9.25 1.35
N PHE B 129 12.87 9.88 2.42
CA PHE B 129 11.75 10.80 2.25
C PHE B 129 11.80 12.03 3.16
N GLY B 130 12.91 12.28 3.83
CA GLY B 130 12.97 13.44 4.70
C GLY B 130 14.31 13.52 5.38
N HIS B 131 14.44 14.51 6.24
CA HIS B 131 15.64 14.67 7.04
C HIS B 131 15.32 15.47 8.29
N VAL B 132 16.22 15.38 9.27
CA VAL B 132 16.11 16.15 10.52
C VAL B 132 16.43 17.62 10.27
N ILE B 133 15.48 18.47 10.65
CA ILE B 133 15.65 19.93 10.67
C ILE B 133 16.26 20.38 12.00
N GLU B 134 15.72 19.91 13.12
CA GLU B 134 16.30 20.15 14.44
C GLU B 134 16.01 18.97 15.36
N GLY B 135 16.76 18.91 16.45
CA GLY B 135 16.60 17.84 17.41
C GLY B 135 17.52 16.67 17.17
N MET B 136 18.56 16.85 16.37
CA MET B 136 19.52 15.77 16.20
C MET B 136 20.18 15.40 17.52
N ASP B 137 20.32 16.36 18.43
CA ASP B 137 20.81 16.01 19.76
C ASP B 137 19.86 15.05 20.46
N VAL B 138 18.57 15.13 20.15
CA VAL B 138 17.62 14.17 20.70
C VAL B 138 17.81 12.82 20.05
N VAL B 139 18.09 12.80 18.74
CA VAL B 139 18.38 11.53 18.07
C VAL B 139 19.59 10.88 18.70
N LYS B 140 20.62 11.68 19.04
CA LYS B 140 21.81 11.12 19.68
C LYS B 140 21.49 10.58 21.07
N LYS B 141 20.57 11.22 21.78
CA LYS B 141 20.13 10.67 23.05
C LYS B 141 19.48 9.30 22.85
N ILE B 142 18.55 9.19 21.89
CA ILE B 142 17.96 7.89 21.56
C ILE B 142 19.06 6.89 21.24
N GLU B 143 19.94 7.27 20.33
CA GLU B 143 21.08 6.43 19.94
C GLU B 143 21.82 5.87 21.15
N SER B 144 21.97 6.67 22.21
CA SER B 144 22.78 6.29 23.36
C SER B 144 22.15 5.16 24.17
N PHE B 145 20.87 4.91 24.00
CA PHE B 145 20.16 3.85 24.70
C PHE B 145 20.01 2.62 23.84
N GLY B 146 20.63 2.58 22.67
CA GLY B 146 20.66 1.38 21.86
C GLY B 146 21.89 0.53 22.13
N SER B 147 22.10 -0.45 21.25
CA SER B 147 23.20 -1.40 21.40
C SER B 147 23.51 -2.00 20.04
N LYS B 148 24.63 -2.73 19.96
CA LYS B 148 25.05 -3.28 18.68
C LYS B 148 24.04 -4.29 18.14
N SER B 149 23.30 -4.97 19.02
CA SER B 149 22.23 -5.90 18.62
C SER B 149 20.93 -5.20 18.25
N GLY B 150 20.80 -3.91 18.56
CA GLY B 150 19.57 -3.16 18.34
C GLY B 150 18.71 -3.04 19.57
N ARG B 151 18.96 -3.87 20.58
CA ARG B 151 18.13 -3.88 21.77
C ARG B 151 18.35 -2.61 22.57
N THR B 152 17.26 -1.97 22.99
CA THR B 152 17.41 -0.73 23.74
C THR B 152 17.48 -1.03 25.23
N SER B 153 18.21 -0.19 25.97
CA SER B 153 18.38 -0.34 27.40
C SER B 153 17.31 0.40 28.19
N LYS B 154 16.53 1.27 27.54
CA LYS B 154 15.35 1.89 28.11
C LYS B 154 14.22 1.80 27.10
N LYS B 155 12.97 1.91 27.57
CA LYS B 155 11.82 1.93 26.66
C LYS B 155 11.73 3.33 26.04
N ILE B 156 11.97 3.43 24.73
CA ILE B 156 11.99 4.70 24.01
C ILE B 156 10.64 4.84 23.32
N VAL B 157 9.86 5.84 23.74
CA VAL B 157 8.48 5.98 23.34
C VAL B 157 8.30 7.32 22.65
N ILE B 158 7.62 7.32 21.51
CA ILE B 158 7.13 8.55 20.89
C ILE B 158 5.88 8.96 21.66
N THR B 159 6.03 9.88 22.63
CA THR B 159 4.93 10.24 23.52
C THR B 159 3.89 11.08 22.81
N ASP B 160 4.31 11.88 21.85
CA ASP B 160 3.43 12.71 21.05
C ASP B 160 4.12 12.94 19.71
N CYS B 161 3.32 13.31 18.72
CA CYS B 161 3.84 13.63 17.39
C CYS B 161 2.75 14.40 16.66
N GLY B 162 3.14 15.08 15.59
CA GLY B 162 2.19 15.91 14.87
C GLY B 162 2.87 16.71 13.78
N GLN B 163 2.15 17.73 13.29
CA GLN B 163 2.59 18.59 12.20
C GLN B 163 2.73 20.02 12.68
N LEU B 164 3.80 20.70 12.22
CA LEU B 164 4.10 22.09 12.57
C LEU B 164 3.76 23.09 11.45
N SER B 165 3.95 22.69 10.19
CA SER B 165 3.54 23.47 9.03
C SER B 165 3.50 22.55 7.81
#